data_7IF0
#
_entry.id   7IF0
#
_cell.length_a   45.320
_cell.length_b   72.990
_cell.length_c   52.700
_cell.angle_alpha   90.00
_cell.angle_beta   109.47
_cell.angle_gamma   90.00
#
_symmetry.space_group_name_H-M   'P 1 21 1'
#
loop_
_entity.id
_entity.type
_entity.pdbx_description
1 polymer Endothiapepsin
2 non-polymer (1r,4r)-N-methyl-4-(trifluoromethyl)cyclohexan-1-amine
3 water water
#
_entity_poly.entity_id   1
_entity_poly.type   'polypeptide(L)'
_entity_poly.pdbx_seq_one_letter_code
;STGSATTTPIDSLDDAYITPVQIGTPAQTLNLDFDTGSSDLWVFSSETTASEVDGQTIYTPSKSTTAKLLSGATWSISYG
DGSSSSGDVYTDTVSVGGLTVTGQAVESAKKVSSSFTEDSTIDGLLGLAFSTLNTVSPTQQKTFFDNAKASLDSPVFTAD
LGYHAPGTYNFGFIDTTAYTGSITYTAVSTKQGFWEWTSTGYAVGSGTFKSTSIDGIADTGTTLLYLPATVVSAYWAQVS
GAKSSSSVGGYVFPCSATLPSFTFGVGSARIVIPGDYIDFGPISTGSSSCFGGIQSSAGIGINIFGDVALKAAFVVFNGA
TTPTLGFASK
;
_entity_poly.pdbx_strand_id   A
#
loop_
_chem_comp.id
_chem_comp.type
_chem_comp.name
_chem_comp.formula
A1CFR non-polymer (1r,4r)-N-methyl-4-(trifluoromethyl)cyclohexan-1-amine 'C8 H14 F3 N'
#
# COMPACT_ATOMS: atom_id res chain seq x y z
N SER A 1 5.95 -23.97 -3.42
CA SER A 1 4.54 -23.52 -3.53
C SER A 1 4.49 -22.13 -4.15
N THR A 2 3.29 -21.78 -4.60
CA THR A 2 2.98 -20.41 -5.07
C THR A 2 1.58 -20.05 -4.62
N GLY A 3 1.27 -18.76 -4.70
CA GLY A 3 -0.13 -18.31 -4.61
C GLY A 3 -0.36 -17.16 -5.56
N SER A 4 -1.60 -16.95 -5.95
CA SER A 4 -2.00 -15.89 -6.88
C SER A 4 -3.38 -15.41 -6.52
N ALA A 5 -3.55 -14.13 -6.21
CA ALA A 5 -4.86 -13.62 -5.80
C ALA A 5 -5.10 -12.32 -6.53
N THR A 6 -6.35 -12.08 -6.90
CA THR A 6 -6.75 -10.83 -7.54
C THR A 6 -6.98 -9.77 -6.47
N THR A 7 -6.50 -8.56 -6.74
CA THR A 7 -6.69 -7.38 -5.88
C THR A 7 -7.61 -6.41 -6.60
N THR A 8 -8.55 -5.81 -5.90
CA THR A 8 -9.65 -5.04 -6.54
C THR A 8 -9.73 -3.69 -5.89
N PRO A 9 -9.82 -2.58 -6.64
N PRO A 9 -9.78 -2.57 -6.65
N PRO A 9 -9.82 -2.58 -6.64
N PRO A 9 -9.78 -2.57 -6.65
CA PRO A 9 -9.97 -1.26 -6.04
CA PRO A 9 -10.01 -1.27 -6.03
CA PRO A 9 -9.97 -1.26 -6.04
CA PRO A 9 -10.01 -1.27 -6.03
C PRO A 9 -11.27 -1.19 -5.22
C PRO A 9 -11.28 -1.23 -5.19
C PRO A 9 -11.27 -1.19 -5.22
C PRO A 9 -11.28 -1.23 -5.19
N ILE A 10 -11.23 -0.51 -4.09
CA ILE A 10 -12.41 -0.43 -3.18
C ILE A 10 -13.42 0.57 -3.73
N ASP A 11 -13.03 1.45 -4.63
CA ASP A 11 -13.90 2.53 -5.13
C ASP A 11 -13.40 2.98 -6.46
N SER A 12 -14.10 3.94 -7.07
CA SER A 12 -13.84 4.40 -8.44
C SER A 12 -12.54 5.22 -8.53
N LEU A 13 -11.92 5.56 -7.41
CA LEU A 13 -10.70 6.40 -7.41
C LEU A 13 -9.46 5.54 -7.15
N ASP A 14 -9.60 4.25 -6.88
CA ASP A 14 -8.44 3.41 -6.43
C ASP A 14 -7.92 3.95 -5.10
N ASP A 15 -8.79 4.28 -4.15
CA ASP A 15 -8.28 4.78 -2.86
C ASP A 15 -7.50 3.70 -2.10
N ALA A 16 -7.84 2.44 -2.36
CA ALA A 16 -7.12 1.29 -1.79
C ALA A 16 -7.56 0.09 -2.57
N TYR A 17 -6.92 -1.04 -2.32
CA TYR A 17 -7.19 -2.32 -2.98
C TYR A 17 -7.43 -3.37 -1.91
N ILE A 18 -8.37 -4.26 -2.19
CA ILE A 18 -8.68 -5.38 -1.29
C ILE A 18 -8.44 -6.71 -1.99
N THR A 19 -7.97 -7.67 -1.22
CA THR A 19 -7.61 -8.99 -1.70
C THR A 19 -8.23 -10.00 -0.78
N PRO A 20 -8.96 -11.01 -1.29
CA PRO A 20 -9.59 -11.97 -0.39
C PRO A 20 -8.54 -12.89 0.24
N VAL A 21 -8.75 -13.17 1.52
CA VAL A 21 -7.85 -13.99 2.35
C VAL A 21 -8.70 -14.98 3.14
N GLN A 22 -8.32 -16.26 3.07
CA GLN A 22 -9.01 -17.32 3.84
C GLN A 22 -8.37 -17.47 5.22
N ILE A 23 -9.15 -17.38 6.27
CA ILE A 23 -8.62 -17.51 7.65
C ILE A 23 -9.41 -18.60 8.35
N GLY A 24 -8.71 -19.54 8.94
CA GLY A 24 -9.41 -20.50 9.83
C GLY A 24 -9.95 -21.70 9.12
N THR A 25 -10.55 -22.59 9.92
CA THR A 25 -11.12 -23.88 9.46
C THR A 25 -12.48 -24.07 10.09
N PRO A 26 -13.59 -24.13 9.32
CA PRO A 26 -13.64 -23.88 7.88
C PRO A 26 -13.22 -22.44 7.60
N ALA A 27 -12.88 -22.19 6.33
CA ALA A 27 -12.37 -20.89 5.91
C ALA A 27 -13.41 -19.81 6.22
N GLN A 28 -12.89 -18.68 6.71
CA GLN A 28 -13.62 -17.41 6.79
C GLN A 28 -12.89 -16.46 5.84
N THR A 29 -13.57 -15.97 4.82
CA THR A 29 -12.92 -15.14 3.81
C THR A 29 -13.18 -13.67 4.17
N LEU A 30 -12.06 -12.95 4.38
CA LEU A 30 -12.06 -11.51 4.64
C LEU A 30 -11.32 -10.80 3.52
N ASN A 31 -11.70 -9.59 3.24
CA ASN A 31 -11.06 -8.76 2.23
C ASN A 31 -10.08 -7.81 2.87
N LEU A 32 -8.79 -8.11 2.69
CA LEU A 32 -7.74 -7.36 3.42
C LEU A 32 -7.00 -6.44 2.47
N ASP A 33 -6.51 -5.34 3.04
N ASP A 33 -6.51 -5.34 3.04
N ASP A 33 -6.52 -5.33 3.04
N ASP A 33 -6.52 -5.33 3.04
CA ASP A 33 -5.67 -4.34 2.35
CA ASP A 33 -5.67 -4.34 2.35
CA ASP A 33 -5.65 -4.34 2.36
CA ASP A 33 -5.65 -4.34 2.36
C ASP A 33 -4.20 -4.74 2.49
C ASP A 33 -4.20 -4.74 2.49
C ASP A 33 -4.20 -4.81 2.52
C ASP A 33 -4.20 -4.81 2.52
N PHE A 34 -3.61 -5.31 1.44
CA PHE A 34 -2.20 -5.77 1.44
C PHE A 34 -1.31 -4.53 1.47
N ASP A 35 -0.44 -4.45 2.47
N ASP A 35 -0.44 -4.45 2.47
N ASP A 35 -0.49 -4.44 2.51
N ASP A 35 -0.49 -4.44 2.51
CA ASP A 35 0.23 -3.17 2.83
CA ASP A 35 0.23 -3.17 2.83
CA ASP A 35 0.23 -3.17 2.83
CA ASP A 35 0.23 -3.17 2.83
C ASP A 35 1.72 -3.41 2.94
C ASP A 35 1.72 -3.41 2.94
C ASP A 35 1.72 -3.45 2.93
C ASP A 35 1.72 -3.45 2.93
N THR A 36 2.48 -3.14 1.89
CA THR A 36 3.96 -3.30 1.93
C THR A 36 4.62 -2.24 2.80
N GLY A 37 3.87 -1.34 3.43
CA GLY A 37 4.42 -0.39 4.38
C GLY A 37 4.13 -0.72 5.84
N SER A 38 3.61 -1.88 6.17
CA SER A 38 3.44 -2.29 7.58
C SER A 38 3.55 -3.80 7.68
N SER A 39 3.51 -4.32 8.90
CA SER A 39 3.96 -5.72 9.13
C SER A 39 3.03 -6.46 10.07
N ASP A 40 1.79 -6.02 10.21
CA ASP A 40 0.78 -6.67 11.06
C ASP A 40 -0.32 -7.20 10.15
N LEU A 41 -0.77 -8.41 10.37
CA LEU A 41 -1.99 -8.97 9.76
C LEU A 41 -3.06 -8.86 10.83
N TRP A 42 -3.98 -7.91 10.68
CA TRP A 42 -5.02 -7.70 11.71
C TRP A 42 -6.37 -7.66 11.01
N VAL A 43 -7.39 -8.05 11.74
CA VAL A 43 -8.77 -8.20 11.19
C VAL A 43 -9.79 -7.65 12.14
N PHE A 44 -10.85 -7.12 11.57
CA PHE A 44 -12.13 -6.96 12.28
C PHE A 44 -12.56 -8.35 12.75
N SER A 45 -13.14 -8.40 13.95
CA SER A 45 -13.41 -9.71 14.57
C SER A 45 -14.67 -9.64 15.45
N SER A 46 -15.00 -10.81 15.98
CA SER A 46 -16.07 -10.97 16.99
C SER A 46 -15.68 -10.24 18.27
N GLU A 47 -14.42 -9.84 18.44
CA GLU A 47 -13.95 -9.12 19.65
C GLU A 47 -14.01 -7.62 19.42
N THR A 48 -14.22 -7.16 18.20
CA THR A 48 -14.18 -5.70 17.92
C THR A 48 -15.39 -5.02 18.58
N THR A 49 -15.14 -3.96 19.33
CA THR A 49 -16.21 -3.12 19.94
C THR A 49 -17.35 -2.97 18.93
N ALA A 50 -18.58 -3.33 19.30
CA ALA A 50 -19.70 -3.47 18.37
C ALA A 50 -19.96 -2.13 17.67
N SER A 51 -19.88 -1.00 18.36
CA SER A 51 -20.16 0.33 17.77
C SER A 51 -19.08 0.75 16.76
N GLU A 52 -17.96 0.01 16.68
CA GLU A 52 -16.86 0.32 15.75
C GLU A 52 -16.90 -0.58 14.53
N VAL A 53 -17.88 -1.44 14.43
CA VAL A 53 -18.08 -2.31 13.23
C VAL A 53 -19.27 -1.74 12.47
N ASP A 54 -19.11 -1.45 11.19
CA ASP A 54 -20.21 -0.93 10.34
C ASP A 54 -20.08 -1.55 8.94
N GLY A 55 -20.48 -2.78 8.80
CA GLY A 55 -20.56 -3.43 7.48
C GLY A 55 -19.37 -4.31 7.14
N GLN A 56 -18.29 -4.28 7.92
CA GLN A 56 -17.13 -5.19 7.63
C GLN A 56 -17.50 -6.64 7.90
N THR A 57 -16.83 -7.55 7.22
CA THR A 57 -16.86 -8.96 7.54
C THR A 57 -15.91 -9.21 8.71
N ILE A 58 -16.34 -9.99 9.70
CA ILE A 58 -15.54 -10.25 10.90
C ILE A 58 -15.02 -11.67 10.89
N TYR A 59 -13.84 -11.83 11.47
CA TYR A 59 -13.26 -13.11 11.85
C TYR A 59 -13.80 -13.49 13.25
N THR A 60 -14.30 -14.70 13.35
CA THR A 60 -14.78 -15.26 14.65
C THR A 60 -13.88 -16.43 15.01
N PRO A 61 -12.85 -16.25 15.86
CA PRO A 61 -11.93 -17.35 16.14
C PRO A 61 -12.60 -18.56 16.80
N SER A 62 -13.66 -18.33 17.56
CA SER A 62 -14.34 -19.43 18.26
C SER A 62 -14.98 -20.40 17.26
N LYS A 63 -15.18 -19.99 16.00
CA LYS A 63 -15.76 -20.85 14.94
C LYS A 63 -14.67 -21.51 14.11
N SER A 64 -13.42 -21.30 14.43
CA SER A 64 -12.31 -21.94 13.69
C SER A 64 -11.68 -23.01 14.56
N THR A 65 -11.64 -24.22 14.03
CA THR A 65 -11.12 -25.38 14.80
C THR A 65 -9.61 -25.34 14.89
N THR A 66 -8.96 -24.48 14.09
CA THR A 66 -7.49 -24.35 14.04
C THR A 66 -7.05 -23.10 14.80
N ALA A 67 -7.96 -22.27 15.26
CA ALA A 67 -7.55 -21.03 15.97
C ALA A 67 -7.05 -21.37 17.37
N LYS A 68 -5.97 -20.73 17.79
N LYS A 68 -5.98 -20.72 17.79
N LYS A 68 -5.97 -20.73 17.79
N LYS A 68 -5.98 -20.72 17.79
CA LYS A 68 -5.40 -20.85 19.16
CA LYS A 68 -5.47 -20.83 19.17
CA LYS A 68 -5.40 -20.85 19.16
CA LYS A 68 -5.47 -20.83 19.17
C LYS A 68 -5.13 -19.43 19.67
C LYS A 68 -5.13 -19.43 19.67
C LYS A 68 -5.13 -19.43 19.67
C LYS A 68 -5.13 -19.43 19.67
N LEU A 69 -5.57 -19.08 20.88
CA LEU A 69 -5.18 -17.79 21.49
C LEU A 69 -3.67 -17.83 21.63
N LEU A 70 -2.99 -16.78 21.26
CA LEU A 70 -1.55 -16.60 21.55
C LEU A 70 -1.51 -15.89 22.91
N SER A 71 -1.30 -16.68 23.96
N SER A 71 -1.33 -16.67 23.97
N SER A 71 -1.30 -16.68 23.96
N SER A 71 -1.33 -16.67 23.97
CA SER A 71 -1.53 -16.23 25.35
CA SER A 71 -1.58 -16.25 25.37
CA SER A 71 -1.53 -16.23 25.35
CA SER A 71 -1.58 -16.25 25.37
C SER A 71 -0.67 -15.04 25.70
C SER A 71 -0.67 -15.09 25.78
C SER A 71 -0.67 -15.04 25.70
C SER A 71 -0.67 -15.09 25.78
N GLY A 72 -1.30 -13.97 26.19
CA GLY A 72 -0.58 -12.79 26.66
C GLY A 72 -0.22 -11.81 25.59
N ALA A 73 -0.44 -12.16 24.32
CA ALA A 73 0.04 -11.29 23.22
C ALA A 73 -0.98 -10.19 22.93
N THR A 74 -0.48 -8.98 22.79
CA THR A 74 -1.32 -7.84 22.37
C THR A 74 -0.61 -7.14 21.23
N TRP A 75 -1.36 -6.23 20.60
CA TRP A 75 -0.80 -5.45 19.48
C TRP A 75 -1.51 -4.10 19.47
N SER A 76 -0.82 -3.14 18.89
CA SER A 76 -1.35 -1.75 18.80
C SER A 76 -0.56 -1.04 17.72
N ILE A 77 -1.27 -0.49 16.73
CA ILE A 77 -0.56 0.13 15.58
C ILE A 77 -1.21 1.48 15.23
N SER A 78 -0.38 2.39 14.77
CA SER A 78 -0.81 3.71 14.23
C SER A 78 -0.24 3.83 12.83
N TYR A 79 -1.03 4.34 11.90
N TYR A 79 -1.03 4.34 11.90
N TYR A 79 -1.06 4.34 11.90
N TYR A 79 -1.06 4.34 11.90
CA TYR A 79 -0.58 4.49 10.51
CA TYR A 79 -0.58 4.49 10.51
CA TYR A 79 -0.72 4.50 10.47
CA TYR A 79 -0.72 4.50 10.47
C TYR A 79 -0.25 5.97 10.24
C TYR A 79 -0.25 5.97 10.24
C TYR A 79 -0.52 5.98 10.10
C TYR A 79 -0.52 5.98 10.10
N GLY A 80 0.27 6.21 9.05
CA GLY A 80 0.65 7.56 8.57
C GLY A 80 -0.49 8.52 8.42
N ASP A 81 -1.71 8.02 8.18
N ASP A 81 -1.71 8.02 8.18
N ASP A 81 -1.71 8.03 8.16
N ASP A 81 -1.71 8.03 8.16
CA ASP A 81 -2.93 8.84 8.01
CA ASP A 81 -2.93 8.84 8.01
CA ASP A 81 -2.95 8.86 8.01
CA ASP A 81 -2.95 8.86 8.01
C ASP A 81 -3.56 9.12 9.38
C ASP A 81 -3.56 9.12 9.38
C ASP A 81 -3.55 9.17 9.39
C ASP A 81 -3.55 9.17 9.39
N GLY A 82 -2.92 8.72 10.48
CA GLY A 82 -3.46 8.95 11.82
C GLY A 82 -4.45 7.91 12.31
N SER A 83 -4.75 6.91 11.49
N SER A 83 -4.75 6.91 11.49
N SER A 83 -4.77 6.90 11.49
N SER A 83 -4.77 6.90 11.49
CA SER A 83 -5.65 5.79 11.85
CA SER A 83 -5.65 5.79 11.85
CA SER A 83 -5.71 5.80 11.86
CA SER A 83 -5.71 5.80 11.86
C SER A 83 -4.93 4.84 12.81
C SER A 83 -4.93 4.84 12.81
C SER A 83 -4.94 4.76 12.71
C SER A 83 -4.94 4.76 12.71
N SER A 84 -5.68 3.98 13.50
CA SER A 84 -5.10 3.06 14.49
C SER A 84 -6.04 1.91 14.77
N SER A 85 -5.46 0.88 15.37
CA SER A 85 -6.20 -0.31 15.80
C SER A 85 -5.33 -1.06 16.83
N SER A 86 -5.98 -1.87 17.62
CA SER A 86 -5.29 -2.64 18.67
C SER A 86 -6.14 -3.82 19.07
N GLY A 87 -5.50 -4.83 19.70
CA GLY A 87 -6.26 -5.97 20.22
C GLY A 87 -5.37 -7.07 20.75
N ASP A 88 -5.86 -8.30 20.59
CA ASP A 88 -5.13 -9.52 21.02
C ASP A 88 -4.85 -10.40 19.82
N VAL A 89 -4.33 -11.59 20.01
CA VAL A 89 -3.69 -12.33 18.90
C VAL A 89 -4.10 -13.79 18.97
N TYR A 90 -4.44 -14.36 17.83
CA TYR A 90 -4.61 -15.80 17.62
C TYR A 90 -3.56 -16.30 16.64
N THR A 91 -3.25 -17.58 16.66
CA THR A 91 -2.62 -18.19 15.49
C THR A 91 -3.68 -18.99 14.79
N ASP A 92 -3.61 -19.04 13.45
CA ASP A 92 -4.60 -19.80 12.65
C ASP A 92 -3.98 -20.06 11.29
N THR A 93 -4.70 -20.83 10.51
CA THR A 93 -4.32 -21.11 9.12
C THR A 93 -4.80 -19.98 8.23
N VAL A 94 -3.90 -19.45 7.42
CA VAL A 94 -4.22 -18.32 6.51
C VAL A 94 -3.79 -18.72 5.12
N SER A 95 -4.70 -18.56 4.16
CA SER A 95 -4.40 -18.86 2.74
C SER A 95 -4.67 -17.63 1.88
N VAL A 96 -3.77 -17.40 0.95
CA VAL A 96 -3.89 -16.30 -0.05
C VAL A 96 -3.71 -16.93 -1.41
N GLY A 97 -4.75 -16.93 -2.24
CA GLY A 97 -4.59 -17.33 -3.64
C GLY A 97 -4.09 -18.75 -3.75
N GLY A 98 -4.44 -19.64 -2.83
CA GLY A 98 -3.96 -21.03 -2.88
C GLY A 98 -2.70 -21.31 -2.09
N LEU A 99 -2.02 -20.33 -1.55
CA LEU A 99 -0.81 -20.49 -0.72
C LEU A 99 -1.20 -20.47 0.73
N THR A 100 -0.87 -21.52 1.49
CA THR A 100 -1.33 -21.71 2.87
C THR A 100 -0.19 -21.60 3.86
N VAL A 101 -0.37 -20.83 4.92
CA VAL A 101 0.55 -20.76 6.07
C VAL A 101 -0.21 -21.25 7.27
N THR A 102 0.32 -22.24 7.96
CA THR A 102 -0.22 -22.62 9.29
C THR A 102 0.48 -21.87 10.40
N GLY A 103 -0.25 -21.61 11.48
CA GLY A 103 0.34 -20.92 12.63
C GLY A 103 0.62 -19.45 12.36
N GLN A 104 -0.07 -18.82 11.43
CA GLN A 104 0.08 -17.38 11.20
C GLN A 104 -0.51 -16.60 12.36
N ALA A 105 0.18 -15.56 12.80
CA ALA A 105 -0.40 -14.64 13.79
C ALA A 105 -1.50 -13.84 13.09
N VAL A 106 -2.71 -13.94 13.60
CA VAL A 106 -3.90 -13.20 13.14
C VAL A 106 -4.26 -12.28 14.28
N GLU A 107 -4.04 -11.01 14.13
CA GLU A 107 -4.20 -10.00 15.17
C GLU A 107 -5.67 -9.59 15.16
N SER A 108 -6.40 -9.86 16.22
CA SER A 108 -7.85 -9.62 16.31
C SER A 108 -8.10 -8.26 16.92
N ALA A 109 -8.82 -7.38 16.22
CA ALA A 109 -9.02 -6.01 16.72
C ALA A 109 -10.05 -6.02 17.83
N LYS A 110 -9.66 -5.41 18.95
CA LYS A 110 -10.67 -5.02 19.96
C LYS A 110 -11.12 -3.59 19.70
N LYS A 111 -10.26 -2.73 19.16
CA LYS A 111 -10.55 -1.32 18.92
C LYS A 111 -10.03 -0.98 17.55
N VAL A 112 -10.81 -0.18 16.81
CA VAL A 112 -10.33 0.45 15.56
C VAL A 112 -10.72 1.92 15.58
N SER A 113 -9.95 2.73 14.90
CA SER A 113 -10.25 4.19 14.83
C SER A 113 -11.37 4.41 13.82
N SER A 114 -11.90 5.61 13.87
CA SER A 114 -13.10 5.98 13.08
C SER A 114 -12.94 5.74 11.57
N SER A 115 -11.76 5.99 11.00
N SER A 115 -11.76 5.99 11.00
N SER A 115 -11.78 6.03 10.99
N SER A 115 -11.78 6.03 10.99
CA SER A 115 -11.56 5.84 9.54
CA SER A 115 -11.56 5.84 9.54
CA SER A 115 -11.61 5.88 9.52
CA SER A 115 -11.61 5.88 9.52
C SER A 115 -11.74 4.36 9.16
C SER A 115 -11.74 4.36 9.16
C SER A 115 -11.69 4.41 9.13
C SER A 115 -11.69 4.41 9.13
N PHE A 116 -11.35 3.42 10.02
N PHE A 116 -11.35 3.42 10.02
N PHE A 116 -11.38 3.48 10.04
N PHE A 116 -11.38 3.48 10.04
CA PHE A 116 -11.53 1.97 9.75
CA PHE A 116 -11.53 1.97 9.75
CA PHE A 116 -11.57 2.03 9.77
CA PHE A 116 -11.57 2.03 9.77
C PHE A 116 -13.01 1.54 9.88
C PHE A 116 -13.01 1.54 9.88
C PHE A 116 -13.05 1.65 9.81
C PHE A 116 -13.05 1.65 9.81
N THR A 117 -13.75 2.12 10.85
CA THR A 117 -15.19 1.85 11.00
C THR A 117 -15.95 2.34 9.77
N GLU A 118 -15.56 3.53 9.33
CA GLU A 118 -16.29 4.27 8.27
C GLU A 118 -16.04 3.68 6.90
N ASP A 119 -15.07 2.78 6.78
N ASP A 119 -15.07 2.78 6.78
N ASP A 119 -15.05 2.80 6.78
N ASP A 119 -15.05 2.80 6.78
CA ASP A 119 -14.76 2.11 5.49
CA ASP A 119 -14.76 2.11 5.49
CA ASP A 119 -14.77 2.11 5.51
CA ASP A 119 -14.77 2.11 5.51
C ASP A 119 -15.21 0.65 5.52
C ASP A 119 -15.21 0.65 5.52
C ASP A 119 -15.24 0.66 5.60
C ASP A 119 -15.24 0.66 5.60
N SER A 120 -16.42 0.39 5.06
CA SER A 120 -17.06 -0.94 5.13
C SER A 120 -16.34 -1.93 4.24
N THR A 121 -15.50 -1.49 3.31
CA THR A 121 -14.92 -2.37 2.27
C THR A 121 -13.66 -3.08 2.72
N ILE A 122 -13.05 -2.62 3.80
N ILE A 122 -13.05 -2.62 3.80
N ILE A 122 -13.00 -2.60 3.78
N ILE A 122 -13.00 -2.60 3.78
CA ILE A 122 -11.75 -3.17 4.28
CA ILE A 122 -11.75 -3.17 4.28
CA ILE A 122 -11.70 -3.17 4.23
CA ILE A 122 -11.70 -3.17 4.23
C ILE A 122 -11.99 -3.90 5.59
C ILE A 122 -11.99 -3.90 5.59
C ILE A 122 -11.92 -3.87 5.58
C ILE A 122 -11.92 -3.87 5.58
N ASP A 123 -11.70 -5.19 5.58
CA ASP A 123 -11.93 -6.05 6.76
C ASP A 123 -10.67 -6.19 7.59
N GLY A 124 -9.59 -5.56 7.20
CA GLY A 124 -8.33 -5.61 7.94
C GLY A 124 -7.18 -5.42 7.01
N LEU A 125 -5.95 -5.48 7.54
N LEU A 125 -5.95 -5.48 7.54
N LEU A 125 -5.99 -5.67 7.55
N LEU A 125 -5.99 -5.67 7.55
CA LEU A 125 -4.68 -5.26 6.77
CA LEU A 125 -4.68 -5.26 6.77
CA LEU A 125 -4.71 -5.46 6.85
CA LEU A 125 -4.71 -5.46 6.85
C LEU A 125 -3.84 -6.53 6.83
C LEU A 125 -3.84 -6.53 6.83
C LEU A 125 -3.90 -6.74 6.79
C LEU A 125 -3.90 -6.74 6.79
N LEU A 126 -3.13 -6.83 5.74
CA LEU A 126 -2.12 -7.88 5.69
C LEU A 126 -0.80 -7.21 5.37
N GLY A 127 0.07 -7.11 6.38
CA GLY A 127 1.35 -6.39 6.26
C GLY A 127 2.39 -7.20 5.53
N LEU A 128 3.10 -6.54 4.64
CA LEU A 128 4.13 -7.17 3.78
C LEU A 128 5.44 -6.39 3.85
N ALA A 129 5.61 -5.49 4.82
CA ALA A 129 6.93 -4.93 5.14
C ALA A 129 7.73 -5.95 5.95
N PHE A 130 8.88 -5.55 6.46
CA PHE A 130 9.76 -6.50 7.16
C PHE A 130 9.23 -6.76 8.56
N SER A 131 9.43 -7.99 9.05
CA SER A 131 8.82 -8.42 10.34
C SER A 131 9.36 -7.63 11.53
N THR A 132 10.49 -6.94 11.40
CA THR A 132 11.00 -6.05 12.46
C THR A 132 10.00 -4.97 12.83
N LEU A 133 9.03 -4.61 11.96
CA LEU A 133 8.00 -3.61 12.32
C LEU A 133 6.77 -4.20 12.99
N ASN A 134 6.68 -5.52 13.10
CA ASN A 134 5.46 -6.13 13.65
C ASN A 134 5.25 -5.65 15.09
N THR A 135 4.04 -5.29 15.47
CA THR A 135 3.79 -4.63 16.77
C THR A 135 3.41 -5.63 17.88
N VAL A 136 3.34 -6.91 17.62
CA VAL A 136 2.90 -7.84 18.69
C VAL A 136 3.93 -7.84 19.83
N SER A 137 3.40 -7.77 21.04
CA SER A 137 4.14 -7.76 22.31
C SER A 137 3.56 -8.85 23.19
N PRO A 138 4.40 -9.57 23.98
CA PRO A 138 5.84 -9.37 24.13
C PRO A 138 6.71 -10.14 23.14
N THR A 139 6.09 -10.93 22.27
CA THR A 139 6.79 -11.80 21.32
C THR A 139 6.40 -11.34 19.92
N GLN A 140 7.32 -10.69 19.24
CA GLN A 140 7.05 -10.15 17.91
C GLN A 140 6.76 -11.32 16.98
N GLN A 141 5.83 -11.08 16.04
CA GLN A 141 5.36 -12.11 15.10
C GLN A 141 5.83 -11.83 13.68
N LYS A 142 5.87 -12.88 12.89
CA LYS A 142 6.28 -12.79 11.47
C LYS A 142 5.13 -12.49 10.53
N THR A 143 5.43 -11.77 9.44
CA THR A 143 4.45 -11.55 8.36
C THR A 143 4.07 -12.88 7.68
N PHE A 144 2.97 -12.80 6.94
CA PHE A 144 2.53 -13.93 6.10
C PHE A 144 3.63 -14.29 5.12
N PHE A 145 4.28 -13.28 4.50
CA PHE A 145 5.35 -13.56 3.51
C PHE A 145 6.55 -14.21 4.19
N ASP A 146 6.95 -13.70 5.35
CA ASP A 146 8.09 -14.28 6.07
C ASP A 146 7.79 -15.73 6.43
N ASN A 147 6.59 -16.05 6.89
CA ASN A 147 6.21 -17.44 7.21
C ASN A 147 6.16 -18.32 5.98
N ALA A 148 5.73 -17.79 4.83
CA ALA A 148 5.60 -18.57 3.59
C ALA A 148 6.93 -18.80 2.89
N LYS A 149 7.92 -17.92 3.08
N LYS A 149 7.90 -17.92 3.13
N LYS A 149 7.92 -17.92 3.08
N LYS A 149 7.90 -17.92 3.13
CA LYS A 149 8.98 -17.72 2.04
CA LYS A 149 9.07 -17.69 2.24
CA LYS A 149 8.98 -17.72 2.04
CA LYS A 149 9.07 -17.69 2.24
C LYS A 149 9.87 -18.97 1.91
C LYS A 149 9.75 -19.03 1.92
C LYS A 149 9.87 -18.97 1.91
C LYS A 149 9.75 -19.03 1.92
N ALA A 150 10.08 -19.78 2.96
CA ALA A 150 10.91 -21.00 2.80
C ALA A 150 10.19 -21.99 1.89
N SER A 151 8.86 -22.02 1.90
CA SER A 151 8.03 -22.98 1.11
C SER A 151 7.90 -22.52 -0.34
N LEU A 152 8.10 -21.24 -0.61
CA LEU A 152 7.84 -20.71 -1.95
C LEU A 152 8.84 -21.20 -2.98
N ASP A 153 8.44 -21.28 -4.23
CA ASP A 153 9.36 -21.69 -5.31
C ASP A 153 10.54 -20.73 -5.41
N SER A 154 10.27 -19.44 -5.22
N SER A 154 10.25 -19.43 -5.28
N SER A 154 10.27 -19.44 -5.22
N SER A 154 10.25 -19.43 -5.28
CA SER A 154 11.27 -18.34 -5.19
CA SER A 154 11.25 -18.33 -5.20
CA SER A 154 11.27 -18.34 -5.19
CA SER A 154 11.25 -18.33 -5.20
C SER A 154 10.83 -17.40 -4.08
C SER A 154 10.81 -17.38 -4.07
C SER A 154 10.83 -17.40 -4.08
C SER A 154 10.81 -17.38 -4.07
N PRO A 155 11.75 -16.80 -3.30
CA PRO A 155 11.38 -16.00 -2.14
C PRO A 155 10.98 -14.57 -2.51
N VAL A 156 9.87 -14.47 -3.24
CA VAL A 156 9.42 -13.21 -3.87
C VAL A 156 7.92 -13.09 -3.77
N PHE A 157 7.44 -11.85 -3.79
CA PHE A 157 6.04 -11.61 -4.17
C PHE A 157 6.02 -10.46 -5.14
N THR A 158 4.94 -10.33 -5.91
CA THR A 158 4.82 -9.27 -6.90
C THR A 158 3.49 -8.55 -6.71
N ALA A 159 3.53 -7.26 -6.97
CA ALA A 159 2.34 -6.40 -6.97
C ALA A 159 2.12 -5.88 -8.36
N ASP A 160 0.93 -6.12 -8.89
CA ASP A 160 0.52 -5.69 -10.21
C ASP A 160 -0.83 -5.00 -10.04
N LEU A 161 -0.81 -3.76 -9.58
CA LEU A 161 -2.06 -3.04 -9.27
C LEU A 161 -2.63 -2.44 -10.55
N GLY A 162 -3.93 -2.50 -10.69
CA GLY A 162 -4.65 -1.92 -11.83
C GLY A 162 -4.98 -0.45 -11.65
N TYR A 163 -5.10 0.26 -12.75
CA TYR A 163 -5.68 1.61 -12.80
C TYR A 163 -7.16 1.43 -13.06
N HIS A 164 -7.96 1.78 -12.09
CA HIS A 164 -9.44 1.69 -12.19
C HIS A 164 -9.81 0.29 -12.67
N ALA A 165 -9.16 -0.75 -12.15
CA ALA A 165 -9.37 -2.11 -12.62
C ALA A 165 -8.68 -3.04 -11.64
N PRO A 166 -9.08 -4.30 -11.61
CA PRO A 166 -8.41 -5.29 -10.76
C PRO A 166 -6.97 -5.54 -11.24
N GLY A 167 -6.19 -6.11 -10.32
CA GLY A 167 -4.80 -6.50 -10.55
C GLY A 167 -4.51 -7.75 -9.80
N THR A 168 -3.24 -8.03 -9.53
CA THR A 168 -2.82 -9.32 -8.99
C THR A 168 -1.69 -9.18 -7.99
N TYR A 169 -1.76 -9.95 -6.90
CA TYR A 169 -0.61 -10.25 -6.02
C TYR A 169 -0.23 -11.70 -6.24
N ASN A 170 1.00 -11.95 -6.64
CA ASN A 170 1.56 -13.30 -6.76
C ASN A 170 2.62 -13.52 -5.71
N PHE A 171 2.68 -14.75 -5.21
CA PHE A 171 3.67 -15.19 -4.23
C PHE A 171 4.45 -16.38 -4.80
N GLY A 172 5.76 -16.26 -4.83
CA GLY A 172 6.63 -17.39 -5.12
C GLY A 172 7.00 -17.49 -6.56
N PHE A 173 6.57 -16.61 -7.44
CA PHE A 173 6.95 -16.72 -8.86
C PHE A 173 6.75 -15.36 -9.50
N ILE A 174 7.44 -15.14 -10.62
N ILE A 174 7.51 -15.14 -10.58
N ILE A 174 7.44 -15.14 -10.62
N ILE A 174 7.51 -15.14 -10.58
CA ILE A 174 7.34 -13.90 -11.43
CA ILE A 174 7.39 -14.00 -11.53
CA ILE A 174 7.34 -13.90 -11.43
CA ILE A 174 7.39 -14.00 -11.53
C ILE A 174 6.67 -14.28 -12.74
C ILE A 174 6.55 -14.45 -12.72
C ILE A 174 6.67 -14.28 -12.74
C ILE A 174 6.55 -14.45 -12.72
N ASP A 175 5.46 -13.75 -12.97
CA ASP A 175 4.67 -14.02 -14.17
C ASP A 175 5.27 -13.22 -15.32
N THR A 176 6.05 -13.87 -16.18
CA THR A 176 6.77 -13.18 -17.27
C THR A 176 5.77 -12.68 -18.32
N THR A 177 4.50 -13.01 -18.28
CA THR A 177 3.50 -12.48 -19.23
C THR A 177 2.89 -11.18 -18.73
N ALA A 178 3.21 -10.76 -17.51
CA ALA A 178 2.47 -9.65 -16.85
C ALA A 178 3.16 -8.31 -17.06
N TYR A 179 4.29 -8.24 -17.75
CA TYR A 179 5.02 -6.97 -17.92
C TYR A 179 5.64 -6.94 -19.28
N THR A 180 6.06 -5.77 -19.73
CA THR A 180 6.74 -5.54 -21.00
C THR A 180 8.20 -5.31 -20.71
N GLY A 181 9.04 -5.59 -21.72
CA GLY A 181 10.46 -5.31 -21.57
C GLY A 181 11.07 -6.13 -20.46
N SER A 182 12.05 -5.54 -19.77
N SER A 182 12.06 -5.54 -19.77
N SER A 182 12.05 -5.54 -19.77
N SER A 182 12.06 -5.54 -19.77
CA SER A 182 12.80 -6.23 -18.68
CA SER A 182 12.82 -6.21 -18.68
CA SER A 182 12.80 -6.23 -18.68
CA SER A 182 12.82 -6.21 -18.68
C SER A 182 12.46 -5.63 -17.31
C SER A 182 12.44 -5.62 -17.31
C SER A 182 12.46 -5.63 -17.31
C SER A 182 12.44 -5.62 -17.31
N ILE A 183 12.73 -6.38 -16.26
CA ILE A 183 12.57 -5.93 -14.87
C ILE A 183 13.92 -5.32 -14.49
N THR A 184 13.94 -4.07 -14.04
CA THR A 184 15.16 -3.45 -13.48
C THR A 184 15.13 -3.57 -11.98
N TYR A 185 16.15 -4.17 -11.41
CA TYR A 185 16.28 -4.36 -9.97
C TYR A 185 17.11 -3.25 -9.36
N THR A 186 16.81 -2.92 -8.15
CA THR A 186 17.46 -1.80 -7.40
C THR A 186 17.59 -2.17 -5.96
N ALA A 187 18.60 -1.64 -5.30
CA ALA A 187 18.94 -1.98 -3.92
C ALA A 187 17.88 -1.54 -2.94
N VAL A 188 17.76 -2.29 -1.87
CA VAL A 188 16.82 -2.01 -0.77
C VAL A 188 17.60 -1.84 0.51
N SER A 189 17.24 -0.87 1.33
CA SER A 189 17.64 -0.79 2.73
C SER A 189 16.49 -1.29 3.59
N THR A 190 16.75 -2.21 4.48
CA THR A 190 15.76 -2.69 5.47
C THR A 190 15.92 -2.00 6.83
N LYS A 191 16.77 -0.98 6.93
CA LYS A 191 17.13 -0.34 8.22
C LYS A 191 15.92 0.27 8.93
N GLN A 192 14.90 0.73 8.20
CA GLN A 192 13.67 1.28 8.79
C GLN A 192 12.52 0.27 8.73
N GLY A 193 12.78 -0.96 8.31
CA GLY A 193 11.77 -2.03 8.20
C GLY A 193 10.91 -1.92 6.96
N PHE A 194 11.23 -1.05 6.02
CA PHE A 194 10.43 -0.80 4.81
C PHE A 194 11.16 -1.33 3.59
N TRP A 195 10.43 -1.46 2.48
CA TRP A 195 11.03 -1.67 1.16
C TRP A 195 11.52 -0.32 0.66
N GLU A 196 12.66 0.12 1.20
CA GLU A 196 13.20 1.47 0.97
C GLU A 196 14.25 1.39 -0.11
N TRP A 197 14.19 2.28 -1.09
CA TRP A 197 15.05 2.27 -2.25
C TRP A 197 15.30 3.71 -2.69
N THR A 198 16.13 3.88 -3.70
CA THR A 198 16.48 5.24 -4.18
C THR A 198 16.19 5.34 -5.65
N SER A 199 15.20 6.14 -6.00
CA SER A 199 14.94 6.47 -7.39
C SER A 199 16.05 7.36 -7.92
N THR A 200 16.32 7.25 -9.19
CA THR A 200 17.39 7.99 -9.87
C THR A 200 16.90 9.32 -10.43
N GLY A 201 15.61 9.66 -10.37
CA GLY A 201 15.19 11.00 -10.77
C GLY A 201 13.80 11.02 -11.36
N TYR A 202 13.46 12.07 -12.06
CA TYR A 202 12.08 12.22 -12.53
C TYR A 202 12.03 13.08 -13.76
N ALA A 203 10.89 13.02 -14.44
CA ALA A 203 10.55 13.99 -15.49
C ALA A 203 9.07 14.34 -15.34
N VAL A 204 8.70 15.51 -15.79
CA VAL A 204 7.28 15.95 -15.78
C VAL A 204 6.84 16.02 -17.23
N GLY A 205 5.81 15.31 -17.62
CA GLY A 205 5.33 15.28 -19.00
C GLY A 205 6.42 14.91 -19.94
N SER A 206 6.54 15.68 -21.02
N SER A 206 6.54 15.67 -21.03
N SER A 206 6.54 15.68 -21.02
N SER A 206 6.54 15.67 -21.03
CA SER A 206 7.56 15.45 -22.09
CA SER A 206 7.55 15.46 -22.10
CA SER A 206 7.56 15.45 -22.09
CA SER A 206 7.55 15.46 -22.10
C SER A 206 8.86 16.17 -21.74
C SER A 206 8.85 16.20 -21.76
C SER A 206 8.86 16.17 -21.74
C SER A 206 8.85 16.20 -21.76
N GLY A 207 8.99 16.71 -20.53
CA GLY A 207 10.17 17.44 -20.09
C GLY A 207 11.41 16.56 -19.97
N THR A 208 12.56 17.22 -19.82
CA THR A 208 13.83 16.51 -19.69
C THR A 208 13.87 15.82 -18.32
N PHE A 209 14.54 14.70 -18.29
CA PHE A 209 14.72 13.93 -17.05
C PHE A 209 15.75 14.62 -16.15
N LYS A 210 15.42 14.81 -14.89
CA LYS A 210 16.28 15.36 -13.85
C LYS A 210 16.89 14.21 -13.08
N SER A 211 18.21 14.06 -13.15
CA SER A 211 18.92 13.03 -12.40
C SER A 211 19.11 13.51 -10.97
N THR A 212 18.50 12.85 -9.99
CA THR A 212 18.53 13.24 -8.59
C THR A 212 18.11 12.03 -7.78
N SER A 213 18.80 11.75 -6.70
CA SER A 213 18.49 10.61 -5.81
C SER A 213 17.29 10.92 -4.97
N ILE A 214 16.27 10.07 -5.01
CA ILE A 214 15.06 10.25 -4.18
C ILE A 214 14.87 8.96 -3.39
N ASP A 215 15.24 8.97 -2.12
N ASP A 215 15.19 8.99 -2.12
N ASP A 215 15.24 8.97 -2.12
N ASP A 215 15.19 8.99 -2.12
CA ASP A 215 15.05 7.83 -1.19
CA ASP A 215 15.03 7.84 -1.22
CA ASP A 215 15.05 7.83 -1.19
CA ASP A 215 15.03 7.84 -1.22
C ASP A 215 13.58 7.74 -0.82
C ASP A 215 13.57 7.72 -0.80
C ASP A 215 13.58 7.74 -0.82
C ASP A 215 13.57 7.72 -0.80
N GLY A 216 12.96 6.57 -0.97
CA GLY A 216 11.56 6.42 -0.52
C GLY A 216 11.18 4.98 -0.39
N ILE A 217 9.93 4.76 -0.04
CA ILE A 217 9.48 3.37 0.23
C ILE A 217 8.43 2.96 -0.79
N ALA A 218 8.46 1.71 -1.19
CA ALA A 218 7.41 1.11 -2.04
C ALA A 218 6.30 0.67 -1.11
N ASP A 219 5.15 1.36 -1.15
CA ASP A 219 4.11 1.20 -0.11
C ASP A 219 2.74 1.03 -0.74
N THR A 220 2.30 -0.21 -0.89
CA THR A 220 1.00 -0.50 -1.50
C THR A 220 -0.14 0.01 -0.65
N GLY A 221 0.09 0.25 0.63
N GLY A 221 0.09 0.25 0.63
N GLY A 221 0.09 0.23 0.64
N GLY A 221 0.09 0.23 0.64
CA GLY A 221 -0.97 0.68 1.57
CA GLY A 221 -0.97 0.68 1.57
CA GLY A 221 -0.95 0.67 1.57
CA GLY A 221 -0.95 0.67 1.57
C GLY A 221 -1.11 2.19 1.66
C GLY A 221 -1.11 2.19 1.66
C GLY A 221 -1.18 2.16 1.57
C GLY A 221 -1.18 2.16 1.57
N THR A 222 -0.39 2.94 0.82
CA THR A 222 -0.58 4.40 0.68
C THR A 222 -1.14 4.67 -0.70
N THR A 223 -2.16 5.52 -0.76
CA THR A 223 -2.86 5.74 -2.04
C THR A 223 -2.00 6.55 -3.03
N LEU A 224 -1.39 7.63 -2.54
CA LEU A 224 -0.77 8.68 -3.38
C LEU A 224 0.74 8.55 -3.46
N LEU A 225 1.33 9.39 -4.30
CA LEU A 225 2.79 9.49 -4.48
C LEU A 225 3.24 10.73 -3.71
N TYR A 226 4.07 10.54 -2.68
CA TYR A 226 4.56 11.63 -1.81
C TYR A 226 6.04 11.83 -2.09
N LEU A 227 6.40 13.01 -2.57
CA LEU A 227 7.78 13.30 -3.03
C LEU A 227 8.23 14.64 -2.45
N PRO A 228 9.52 14.97 -2.58
CA PRO A 228 10.00 16.24 -2.01
C PRO A 228 9.26 17.43 -2.63
N ALA A 229 9.16 18.50 -1.83
CA ALA A 229 8.37 19.68 -2.25
C ALA A 229 8.89 20.26 -3.54
N THR A 230 10.19 20.24 -3.79
CA THR A 230 10.77 20.75 -5.06
C THR A 230 10.18 20.01 -6.26
N VAL A 231 10.13 18.68 -6.15
CA VAL A 231 9.68 17.81 -7.27
C VAL A 231 8.19 18.06 -7.49
N VAL A 232 7.45 18.11 -6.41
CA VAL A 232 5.97 18.27 -6.49
C VAL A 232 5.61 19.64 -7.04
N SER A 233 6.33 20.68 -6.63
CA SER A 233 6.11 22.04 -7.18
C SER A 233 6.37 22.04 -8.67
N ALA A 234 7.45 21.40 -9.10
CA ALA A 234 7.77 21.31 -10.53
C ALA A 234 6.66 20.62 -11.33
N TYR A 235 6.07 19.57 -10.76
CA TYR A 235 4.95 18.89 -11.45
C TYR A 235 3.75 19.81 -11.56
N TRP A 236 3.25 20.37 -10.48
CA TRP A 236 1.97 21.11 -10.49
C TRP A 236 2.13 22.46 -11.18
N ALA A 237 3.33 22.98 -11.33
CA ALA A 237 3.57 24.21 -12.10
C ALA A 237 3.16 24.00 -13.57
N GLN A 238 3.10 22.75 -14.03
CA GLN A 238 2.73 22.46 -15.43
C GLN A 238 1.22 22.34 -15.57
N VAL A 239 0.41 22.58 -14.54
CA VAL A 239 -1.06 22.46 -14.61
C VAL A 239 -1.63 23.83 -14.29
N SER A 240 -2.28 24.46 -15.27
N SER A 240 -2.27 24.46 -15.28
N SER A 240 -2.28 24.46 -15.27
N SER A 240 -2.27 24.46 -15.28
CA SER A 240 -2.87 25.81 -15.13
CA SER A 240 -2.83 25.83 -15.12
CA SER A 240 -2.87 25.81 -15.13
CA SER A 240 -2.83 25.83 -15.12
C SER A 240 -3.89 25.81 -14.00
C SER A 240 -3.88 25.84 -14.02
C SER A 240 -3.89 25.81 -14.00
C SER A 240 -3.88 25.84 -14.02
N GLY A 241 -3.70 26.68 -13.00
CA GLY A 241 -4.63 26.84 -11.91
C GLY A 241 -4.38 25.90 -10.75
N ALA A 242 -3.37 25.01 -10.82
CA ALA A 242 -3.09 24.13 -9.67
C ALA A 242 -2.46 24.94 -8.55
N LYS A 243 -2.78 24.57 -7.31
CA LYS A 243 -2.26 25.30 -6.15
C LYS A 243 -2.22 24.35 -4.99
N SER A 244 -1.36 24.63 -4.02
CA SER A 244 -1.37 23.95 -2.73
C SER A 244 -2.39 24.68 -1.84
N SER A 245 -3.37 23.95 -1.39
CA SER A 245 -4.46 24.44 -0.53
C SER A 245 -4.24 23.95 0.91
N SER A 246 -3.95 24.87 1.83
N SER A 246 -3.94 24.87 1.82
N SER A 246 -3.95 24.87 1.83
N SER A 246 -3.94 24.87 1.82
CA SER A 246 -3.81 24.57 3.28
CA SER A 246 -3.82 24.60 3.27
CA SER A 246 -3.81 24.57 3.28
CA SER A 246 -3.82 24.60 3.27
C SER A 246 -5.15 24.05 3.81
C SER A 246 -5.14 24.05 3.80
C SER A 246 -5.15 24.05 3.81
C SER A 246 -5.14 24.05 3.80
N SER A 247 -6.27 24.58 3.33
CA SER A 247 -7.62 24.19 3.81
C SER A 247 -7.95 22.77 3.36
N VAL A 248 -7.58 22.38 2.14
CA VAL A 248 -7.86 21.00 1.67
C VAL A 248 -6.78 20.03 2.17
N GLY A 249 -5.54 20.48 2.34
CA GLY A 249 -4.42 19.67 2.82
C GLY A 249 -3.56 19.12 1.69
N GLY A 250 -3.42 19.84 0.61
CA GLY A 250 -2.45 19.47 -0.45
C GLY A 250 -2.79 20.18 -1.73
N TYR A 251 -2.13 19.78 -2.77
CA TYR A 251 -2.32 20.30 -4.13
C TYR A 251 -3.69 19.87 -4.65
N VAL A 252 -4.36 20.86 -5.20
CA VAL A 252 -5.65 20.72 -5.93
C VAL A 252 -5.47 21.35 -7.31
N PHE A 253 -6.33 20.98 -8.24
CA PHE A 253 -6.24 21.47 -9.60
C PHE A 253 -7.63 21.53 -10.19
N PRO A 254 -7.80 22.36 -11.24
CA PRO A 254 -9.10 22.44 -11.88
C PRO A 254 -9.48 21.12 -12.47
N CYS A 255 -10.70 20.65 -12.19
CA CYS A 255 -11.12 19.35 -12.71
C CYS A 255 -11.17 19.35 -14.25
N SER A 256 -11.23 20.50 -14.88
CA SER A 256 -11.21 20.63 -16.36
C SER A 256 -9.81 20.38 -16.91
N ALA A 257 -8.75 20.27 -16.13
CA ALA A 257 -7.38 20.12 -16.67
C ALA A 257 -7.18 18.74 -17.26
N THR A 258 -6.27 18.68 -18.20
CA THR A 258 -5.63 17.43 -18.66
C THR A 258 -4.26 17.38 -17.99
N LEU A 259 -3.98 16.36 -17.17
CA LEU A 259 -2.73 16.32 -16.38
C LEU A 259 -1.60 15.75 -17.21
N PRO A 260 -0.39 16.26 -17.02
CA PRO A 260 0.79 15.66 -17.61
C PRO A 260 1.16 14.35 -16.89
N SER A 261 1.89 13.53 -17.60
CA SER A 261 2.47 12.33 -17.00
C SER A 261 3.59 12.70 -16.03
N PHE A 262 3.99 11.74 -15.23
CA PHE A 262 5.14 11.86 -14.32
C PHE A 262 5.99 10.63 -14.50
N THR A 263 7.28 10.80 -14.74
CA THR A 263 8.21 9.67 -14.91
C THR A 263 9.12 9.57 -13.70
N PHE A 264 9.36 8.39 -13.18
CA PHE A 264 10.39 8.21 -12.14
C PHE A 264 11.45 7.21 -12.64
N GLY A 265 12.67 7.41 -12.18
CA GLY A 265 13.78 6.53 -12.56
C GLY A 265 13.94 5.37 -11.59
N VAL A 266 14.25 4.22 -12.22
CA VAL A 266 14.70 3.00 -11.51
C VAL A 266 16.00 2.58 -12.18
N GLY A 267 17.12 2.91 -11.53
CA GLY A 267 18.40 2.77 -12.25
C GLY A 267 18.33 3.56 -13.53
N SER A 268 18.76 2.97 -14.64
N SER A 268 18.75 2.94 -14.64
N SER A 268 18.76 2.97 -14.64
N SER A 268 18.75 2.94 -14.64
CA SER A 268 18.72 3.61 -15.97
CA SER A 268 18.74 3.54 -15.99
CA SER A 268 18.72 3.61 -15.97
CA SER A 268 18.74 3.54 -15.99
C SER A 268 17.33 3.48 -16.60
C SER A 268 17.33 3.48 -16.60
C SER A 268 17.33 3.48 -16.60
C SER A 268 17.33 3.48 -16.60
N ALA A 269 16.40 2.76 -15.97
CA ALA A 269 15.06 2.54 -16.51
C ALA A 269 14.11 3.67 -16.07
N ARG A 270 12.97 3.72 -16.71
CA ARG A 270 12.00 4.80 -16.47
C ARG A 270 10.62 4.18 -16.37
N ILE A 271 9.85 4.57 -15.38
CA ILE A 271 8.41 4.19 -15.26
C ILE A 271 7.60 5.47 -15.44
N VAL A 272 6.67 5.40 -16.36
CA VAL A 272 5.81 6.55 -16.71
C VAL A 272 4.44 6.37 -16.08
N ILE A 273 4.07 7.33 -15.23
CA ILE A 273 2.71 7.38 -14.64
C ILE A 273 1.88 8.27 -15.55
N PRO A 274 0.85 7.74 -16.25
CA PRO A 274 0.03 8.59 -17.08
C PRO A 274 -0.65 9.65 -16.23
N GLY A 275 -0.92 10.80 -16.87
CA GLY A 275 -1.59 11.90 -16.19
C GLY A 275 -2.89 11.53 -15.51
N ASP A 276 -3.69 10.69 -16.17
N ASP A 276 -3.73 10.70 -16.13
N ASP A 276 -3.69 10.69 -16.17
N ASP A 276 -3.73 10.70 -16.13
CA ASP A 276 -5.00 10.31 -15.61
CA ASP A 276 -5.05 10.42 -15.50
CA ASP A 276 -5.00 10.31 -15.61
CA ASP A 276 -5.05 10.42 -15.50
C ASP A 276 -4.85 9.63 -14.25
C ASP A 276 -4.91 9.52 -14.26
C ASP A 276 -4.85 9.63 -14.25
C ASP A 276 -4.91 9.52 -14.26
N TYR A 277 -3.73 8.95 -14.00
CA TYR A 277 -3.51 8.23 -12.74
C TYR A 277 -3.38 9.23 -11.58
N ILE A 278 -3.13 10.51 -11.87
CA ILE A 278 -2.81 11.55 -10.89
C ILE A 278 -4.09 12.31 -10.50
N ASP A 279 -5.23 11.96 -11.12
CA ASP A 279 -6.53 12.62 -10.82
C ASP A 279 -7.28 11.83 -9.76
N PHE A 280 -7.50 12.45 -8.60
CA PHE A 280 -8.27 11.83 -7.51
C PHE A 280 -9.63 12.51 -7.33
N GLY A 281 -10.08 13.22 -8.33
CA GLY A 281 -11.48 13.63 -8.42
C GLY A 281 -11.81 14.81 -7.52
N PRO A 282 -13.10 15.23 -7.56
CA PRO A 282 -13.54 16.41 -6.84
C PRO A 282 -13.22 16.34 -5.35
N ILE A 283 -12.84 17.47 -4.76
CA ILE A 283 -12.48 17.49 -3.32
C ILE A 283 -13.71 17.24 -2.47
N SER A 284 -14.87 17.57 -2.95
CA SER A 284 -16.20 17.29 -2.34
C SER A 284 -17.15 17.13 -3.47
N THR A 285 -18.26 16.40 -3.24
CA THR A 285 -19.18 16.09 -4.29
C THR A 285 -19.61 17.38 -5.01
N GLY A 286 -19.52 17.41 -6.32
CA GLY A 286 -19.95 18.50 -7.16
C GLY A 286 -18.96 19.64 -7.32
N SER A 287 -17.81 19.54 -6.63
CA SER A 287 -16.76 20.58 -6.75
C SER A 287 -16.08 20.52 -8.10
N SER A 288 -15.64 21.65 -8.60
CA SER A 288 -14.76 21.69 -9.79
C SER A 288 -13.29 21.74 -9.41
N SER A 289 -12.96 21.64 -8.13
N SER A 289 -12.97 21.65 -8.12
N SER A 289 -12.96 21.64 -8.13
N SER A 289 -12.97 21.65 -8.12
CA SER A 289 -11.57 21.49 -7.65
CA SER A 289 -11.56 21.52 -7.63
CA SER A 289 -11.57 21.49 -7.65
CA SER A 289 -11.56 21.52 -7.63
C SER A 289 -11.31 20.02 -7.42
C SER A 289 -11.30 20.04 -7.39
C SER A 289 -11.31 20.02 -7.42
C SER A 289 -11.30 20.04 -7.39
N CYS A 290 -10.23 19.50 -7.98
CA CYS A 290 -9.90 18.07 -7.93
C CYS A 290 -8.62 17.87 -7.12
N PHE A 291 -8.54 16.74 -6.45
N PHE A 291 -8.54 16.74 -6.45
N PHE A 291 -8.59 16.73 -6.41
N PHE A 291 -8.59 16.73 -6.41
CA PHE A 291 -7.38 16.49 -5.57
CA PHE A 291 -7.38 16.49 -5.57
CA PHE A 291 -7.47 16.26 -5.55
CA PHE A 291 -7.47 16.26 -5.55
C PHE A 291 -6.26 15.75 -6.32
C PHE A 291 -6.26 15.75 -6.32
C PHE A 291 -6.28 15.79 -6.41
C PHE A 291 -6.28 15.79 -6.41
N GLY A 292 -5.06 16.30 -6.19
CA GLY A 292 -3.90 15.75 -6.89
C GLY A 292 -3.38 14.46 -6.32
N GLY A 293 -2.87 13.63 -7.20
CA GLY A 293 -2.29 12.34 -6.79
C GLY A 293 -0.82 12.34 -6.46
N ILE A 294 -0.17 13.48 -6.68
CA ILE A 294 1.23 13.71 -6.31
C ILE A 294 1.21 14.82 -5.27
N GLN A 295 1.75 14.54 -4.10
CA GLN A 295 1.70 15.46 -2.95
C GLN A 295 3.08 15.53 -2.31
N SER A 296 3.30 16.59 -1.54
CA SER A 296 4.57 16.76 -0.84
C SER A 296 4.71 15.79 0.33
N SER A 297 5.91 15.25 0.46
CA SER A 297 6.29 14.46 1.62
C SER A 297 6.86 15.28 2.75
N ALA A 298 6.92 16.61 2.61
N ALA A 298 6.94 16.60 2.60
N ALA A 298 6.92 16.61 2.61
N ALA A 298 6.94 16.60 2.60
CA ALA A 298 7.45 17.48 3.68
CA ALA A 298 7.70 17.47 3.55
CA ALA A 298 7.45 17.48 3.68
CA ALA A 298 7.70 17.47 3.55
C ALA A 298 6.60 17.34 4.95
C ALA A 298 7.26 17.20 4.99
C ALA A 298 6.60 17.34 4.95
C ALA A 298 7.26 17.20 4.99
N GLY A 299 7.25 16.99 6.06
N GLY A 299 5.98 16.96 5.26
N GLY A 299 7.25 16.99 6.06
N GLY A 299 5.98 16.96 5.26
CA GLY A 299 6.59 16.80 7.36
CA GLY A 299 5.43 16.80 6.62
CA GLY A 299 6.59 16.80 7.36
CA GLY A 299 5.43 16.80 6.62
C GLY A 299 6.27 15.34 7.61
C GLY A 299 5.47 15.37 7.12
C GLY A 299 6.27 15.34 7.61
C GLY A 299 5.47 15.37 7.12
N ILE A 300 6.35 14.49 6.58
N ILE A 300 6.11 14.44 6.37
N ILE A 300 6.35 14.49 6.58
N ILE A 300 6.11 14.44 6.37
CA ILE A 300 6.10 13.02 6.74
CA ILE A 300 6.11 12.97 6.65
CA ILE A 300 6.10 13.02 6.74
CA ILE A 300 6.11 12.97 6.65
C ILE A 300 7.44 12.37 7.11
C ILE A 300 7.44 12.50 7.23
C ILE A 300 7.44 12.37 7.11
C ILE A 300 7.44 12.50 7.23
N GLY A 301 8.56 12.92 6.66
CA GLY A 301 9.89 12.43 7.02
C GLY A 301 10.36 11.30 6.14
N ILE A 302 9.55 10.90 5.15
CA ILE A 302 9.98 9.92 4.13
C ILE A 302 9.17 10.14 2.85
N ASN A 303 9.80 9.83 1.74
CA ASN A 303 9.10 9.82 0.44
C ASN A 303 8.37 8.49 0.31
N ILE A 304 7.19 8.52 -0.29
CA ILE A 304 6.35 7.30 -0.38
C ILE A 304 5.94 7.08 -1.81
N PHE A 305 6.41 6.01 -2.41
CA PHE A 305 5.95 5.53 -3.72
C PHE A 305 4.73 4.67 -3.43
N GLY A 306 3.57 5.31 -3.32
CA GLY A 306 2.30 4.65 -3.05
C GLY A 306 1.66 4.19 -4.34
N ASP A 307 0.39 3.88 -4.26
CA ASP A 307 -0.31 3.19 -5.37
C ASP A 307 -0.25 3.96 -6.67
N VAL A 308 -0.32 5.29 -6.64
CA VAL A 308 -0.22 6.09 -7.88
C VAL A 308 1.03 5.70 -8.68
N ALA A 309 2.15 5.54 -8.01
CA ALA A 309 3.39 5.13 -8.67
C ALA A 309 3.37 3.63 -8.97
N LEU A 310 3.06 2.81 -7.98
CA LEU A 310 3.22 1.36 -8.14
C LEU A 310 2.28 0.81 -9.20
N LYS A 311 1.09 1.37 -9.36
N LYS A 311 1.09 1.36 -9.38
N LYS A 311 1.09 1.37 -9.36
N LYS A 311 1.09 1.36 -9.38
CA LYS A 311 0.11 0.83 -10.32
CA LYS A 311 0.14 0.75 -10.35
CA LYS A 311 0.11 0.83 -10.32
CA LYS A 311 0.14 0.75 -10.35
C LYS A 311 0.58 1.07 -11.77
C LYS A 311 0.57 1.07 -11.78
C LYS A 311 0.58 1.07 -11.77
C LYS A 311 0.57 1.07 -11.78
N ALA A 312 1.56 1.93 -11.99
CA ALA A 312 2.15 2.12 -13.33
C ALA A 312 3.19 1.03 -13.65
N ALA A 313 3.48 0.13 -12.72
CA ALA A 313 4.58 -0.84 -12.89
C ALA A 313 4.12 -2.23 -12.50
N PHE A 314 4.91 -3.21 -12.91
CA PHE A 314 4.92 -4.53 -12.31
C PHE A 314 6.07 -4.53 -11.33
N VAL A 315 5.79 -4.80 -10.06
CA VAL A 315 6.77 -4.57 -8.98
C VAL A 315 7.10 -5.89 -8.31
N VAL A 316 8.38 -6.20 -8.28
CA VAL A 316 8.90 -7.41 -7.61
C VAL A 316 9.48 -7.07 -6.25
N PHE A 317 8.94 -7.66 -5.21
CA PHE A 317 9.43 -7.56 -3.83
C PHE A 317 10.26 -8.83 -3.61
N ASN A 318 11.59 -8.70 -3.82
CA ASN A 318 12.51 -9.85 -3.74
C ASN A 318 13.00 -10.02 -2.33
N GLY A 319 12.53 -11.04 -1.64
CA GLY A 319 12.90 -11.36 -0.26
C GLY A 319 14.06 -12.34 -0.14
N ALA A 320 14.94 -12.40 -1.10
CA ALA A 320 16.22 -13.13 -0.94
C ALA A 320 17.00 -12.57 0.25
N THR A 321 18.07 -13.30 0.62
CA THR A 321 18.88 -12.96 1.82
C THR A 321 19.24 -11.47 1.83
N THR A 322 19.63 -10.95 0.68
CA THR A 322 19.73 -9.48 0.46
C THR A 322 18.53 -9.05 -0.38
N PRO A 323 17.52 -8.41 0.25
CA PRO A 323 16.32 -8.04 -0.51
C PRO A 323 16.64 -7.02 -1.60
N THR A 324 15.86 -7.04 -2.66
CA THR A 324 15.91 -6.01 -3.71
C THR A 324 14.48 -5.75 -4.18
N LEU A 325 14.28 -4.65 -4.89
N LEU A 325 14.34 -4.79 -5.08
N LEU A 325 14.28 -4.65 -4.89
N LEU A 325 14.34 -4.79 -5.08
CA LEU A 325 13.00 -4.34 -5.60
CA LEU A 325 13.04 -4.33 -5.59
CA LEU A 325 13.00 -4.34 -5.60
CA LEU A 325 13.04 -4.33 -5.59
C LEU A 325 13.24 -4.42 -7.10
C LEU A 325 13.13 -4.20 -7.11
C LEU A 325 13.24 -4.42 -7.10
C LEU A 325 13.13 -4.20 -7.11
N GLY A 326 12.25 -4.88 -7.85
CA GLY A 326 12.29 -4.83 -9.28
C GLY A 326 11.10 -4.06 -9.83
N PHE A 327 11.32 -3.28 -10.87
CA PHE A 327 10.24 -2.56 -11.57
C PHE A 327 10.29 -2.84 -13.03
N ALA A 328 9.16 -3.14 -13.65
CA ALA A 328 8.98 -3.24 -15.09
C ALA A 328 7.81 -2.36 -15.52
N SER A 329 7.87 -1.88 -16.73
CA SER A 329 6.69 -1.30 -17.42
C SER A 329 5.70 -2.42 -17.73
N LYS A 330 4.44 -2.08 -18.00
CA LYS A 330 3.42 -3.09 -18.32
C LYS A 330 2.33 -2.53 -19.23
C01 A1CFR B . -8.32 3.94 4.54
C01 A1CFR B . -8.32 3.94 4.54
N02 A1CFR B . -8.33 3.10 5.79
N02 A1CFR B . -8.33 3.10 5.79
C03 A1CFR B . -6.98 2.56 6.20
C03 A1CFR B . -6.98 2.56 6.20
C04 A1CFR B . -6.59 1.49 5.20
C04 A1CFR B . -6.59 1.49 5.20
C05 A1CFR B . -5.26 0.94 5.60
C05 A1CFR B . -5.26 0.94 5.60
C06 A1CFR B . -4.22 2.04 5.46
C06 A1CFR B . -4.22 2.04 5.46
C07 A1CFR B . -2.82 1.40 5.58
C07 A1CFR B . -2.82 1.40 5.58
F08 A1CFR B . -1.78 2.25 5.54
F08 A1CFR B . -1.78 2.25 5.54
F09 A1CFR B . -2.60 0.48 4.62
F09 A1CFR B . -2.60 0.48 4.62
F10 A1CFR B . -2.63 0.73 6.72
F10 A1CFR B . -2.63 0.73 6.72
C11 A1CFR B . -4.43 3.07 6.53
C11 A1CFR B . -4.43 3.07 6.53
C12 A1CFR B . -5.85 3.67 6.39
C12 A1CFR B . -5.85 3.67 6.39
#